data_3UHL
#
_entry.id   3UHL
#
_cell.length_a   63.789
_cell.length_b   63.789
_cell.length_c   213.664
_cell.angle_alpha   90.00
_cell.angle_beta   90.00
_cell.angle_gamma   90.00
#
_symmetry.space_group_name_H-M   'P 43 21 2'
#
loop_
_entity.id
_entity.type
_entity.pdbx_description
1 polymer Protease
2 non-polymer 'SULFATE ION'
3 non-polymer N-{(2S)-2-[(N-acetyl-L-threonyl-L-isoleucyl)amino]hexyl}-L-norleucyl-L-glutaminyl-N~5~-[amino(iminio)methyl]-L-ornithinamide
4 water water
#
_entity_poly.entity_id   1
_entity_poly.type   'polypeptide(L)'
_entity_poly.pdbx_seq_one_letter_code
;PQITLWKRPFVTVKVGGQLKEALLDTGADNTIFEDINLPGRWKPKMVGGIGGFLKVREYDQVPIEIAGHKVIGTVLVGPT
PVNVIGRDTMTQIGATLNF
;
_entity_poly.pdbx_strand_id   A,B,C,D
#
# COMPACT_ATOMS: atom_id res chain seq x y z
N PRO A 1 10.91 -14.53 6.50
CA PRO A 1 9.49 -14.78 6.45
C PRO A 1 8.81 -14.40 5.14
N GLN A 2 7.54 -14.03 5.24
CA GLN A 2 6.77 -13.66 4.07
C GLN A 2 6.16 -12.27 4.20
N ILE A 3 6.45 -11.45 3.18
CA ILE A 3 6.27 -10.01 3.16
C ILE A 3 5.29 -9.66 2.05
N THR A 4 4.17 -9.03 2.42
CA THR A 4 3.34 -8.35 1.41
C THR A 4 3.93 -6.94 1.13
N LEU A 5 3.41 -6.24 0.13
CA LEU A 5 4.07 -5.02 -0.37
C LEU A 5 3.25 -3.74 -0.12
N TRP A 6 2.32 -3.81 0.85
CA TRP A 6 1.50 -2.66 1.25
C TRP A 6 2.40 -1.60 1.85
N LYS A 7 3.30 -2.02 2.71
CA LYS A 7 4.40 -1.17 3.19
C LYS A 7 5.65 -1.43 2.37
N ARG A 8 6.55 -0.46 2.39
CA ARG A 8 7.82 -0.63 1.73
C ARG A 8 8.51 -1.76 2.47
N PRO A 9 9.22 -2.61 1.75
CA PRO A 9 9.78 -3.77 2.46
C PRO A 9 11.16 -3.50 3.13
N PHE A 10 11.11 -2.67 4.18
CA PHE A 10 12.26 -2.44 5.03
C PHE A 10 12.44 -3.59 5.97
N VAL A 11 13.71 -3.94 6.20
CA VAL A 11 14.00 -5.01 7.14
C VAL A 11 15.22 -4.62 7.93
N THR A 12 15.38 -5.29 9.04
CA THR A 12 16.45 -4.99 9.91
C THR A 12 17.56 -5.89 9.40
N VAL A 13 18.76 -5.31 9.26
CA VAL A 13 19.94 -6.02 8.78
C VAL A 13 21.07 -5.78 9.79
N LYS A 14 21.90 -6.79 9.96
CA LYS A 14 23.10 -6.67 10.76
C LYS A 14 24.20 -6.72 9.73
N VAL A 15 24.92 -5.62 9.57
CA VAL A 15 25.93 -5.51 8.51
C VAL A 15 27.25 -5.17 9.11
N GLY A 16 28.18 -6.10 9.04
CA GLY A 16 29.38 -5.98 9.80
C GLY A 16 28.83 -6.21 11.18
N GLY A 17 29.20 -5.34 12.11
CA GLY A 17 28.65 -5.42 13.48
C GLY A 17 27.32 -4.71 13.66
N GLN A 18 26.99 -3.80 12.77
CA GLN A 18 25.97 -2.80 13.03
C GLN A 18 24.56 -3.09 12.48
N LEU A 19 23.54 -2.63 13.22
CA LEU A 19 22.15 -2.80 12.81
C LEU A 19 21.69 -1.62 11.97
N LYS A 20 21.09 -1.89 10.82
CA LYS A 20 20.54 -0.84 9.97
C LYS A 20 19.28 -1.34 9.35
N GLU A 21 18.41 -0.41 8.94
CA GLU A 21 17.21 -0.73 8.17
CA GLU A 21 17.24 -0.79 8.16
C GLU A 21 17.62 -0.65 6.71
N ALA A 22 17.21 -1.64 5.92
CA ALA A 22 17.48 -1.60 4.51
C ALA A 22 16.30 -2.12 3.76
N LEU A 23 16.09 -1.59 2.57
CA LEU A 23 14.97 -1.92 1.75
C LEU A 23 15.28 -3.10 0.85
N LEU A 24 14.46 -4.14 0.88
CA LEU A 24 14.64 -5.23 -0.07
C LEU A 24 14.19 -4.76 -1.45
N ASP A 25 15.12 -4.69 -2.39
CA ASP A 25 14.82 -4.00 -3.65
C ASP A 25 15.10 -4.93 -4.82
N THR A 26 14.06 -5.56 -5.34
CA THR A 26 14.23 -6.49 -6.43
C THR A 26 14.54 -5.77 -7.73
N GLY A 27 14.44 -4.45 -7.75
CA GLY A 27 14.88 -3.73 -8.96
C GLY A 27 16.36 -3.34 -8.92
N ALA A 28 17.07 -3.66 -7.85
CA ALA A 28 18.44 -3.15 -7.73
C ALA A 28 19.42 -4.32 -7.85
N ASP A 29 20.49 -4.13 -8.64
CA ASP A 29 21.44 -5.29 -8.83
C ASP A 29 22.36 -5.46 -7.61
N ASN A 30 22.74 -4.37 -6.95
CA ASN A 30 23.71 -4.41 -5.85
C ASN A 30 23.15 -3.95 -4.52
N THR A 31 23.95 -4.08 -3.48
CA THR A 31 23.56 -3.80 -2.13
C THR A 31 24.35 -2.58 -1.76
N ILE A 32 23.64 -1.48 -1.51
CA ILE A 32 24.32 -0.24 -1.22
C ILE A 32 23.89 0.32 0.13
N PHE A 33 24.81 0.82 0.90
CA PHE A 33 24.51 1.54 2.13
C PHE A 33 25.15 2.94 2.09
N GLU A 34 24.54 3.89 2.77
CA GLU A 34 25.17 5.17 3.09
C GLU A 34 25.27 5.19 4.64
N ASP A 35 25.76 6.31 5.22
CA ASP A 35 25.71 6.55 6.70
C ASP A 35 26.34 5.41 7.49
N ILE A 36 27.43 4.82 7.00
CA ILE A 36 27.91 3.62 7.67
C ILE A 36 29.39 3.56 8.05
N ASN A 37 29.66 2.73 9.07
CA ASN A 37 30.95 2.52 9.71
C ASN A 37 31.26 1.04 9.65
N LEU A 38 31.78 0.60 8.50
CA LEU A 38 32.26 -0.76 8.32
C LEU A 38 33.72 -0.80 8.72
N PRO A 39 34.12 -1.82 9.49
CA PRO A 39 35.54 -1.87 9.86
C PRO A 39 36.43 -2.49 8.78
N GLY A 40 35.83 -2.92 7.67
CA GLY A 40 36.54 -3.76 6.70
C GLY A 40 37.67 -3.10 5.93
N ARG A 41 38.47 -3.89 5.24
CA ARG A 41 39.30 -3.36 4.17
C ARG A 41 38.34 -2.98 3.01
N TRP A 42 38.40 -1.74 2.54
CA TRP A 42 37.58 -1.29 1.41
C TRP A 42 38.44 -0.99 0.22
N LYS A 43 37.86 -1.08 -0.97
CA LYS A 43 38.50 -0.57 -2.18
C LYS A 43 37.63 0.51 -2.87
N PRO A 44 38.28 1.47 -3.56
CA PRO A 44 37.50 2.45 -4.29
C PRO A 44 36.85 1.81 -5.50
N LYS A 45 35.77 2.44 -5.95
CA LYS A 45 34.97 1.96 -7.03
C LYS A 45 34.66 3.13 -7.97
N MET A 46 34.69 2.85 -9.26
CA MET A 46 34.46 3.84 -10.25
C MET A 46 33.02 3.77 -10.68
N VAL A 47 32.24 4.81 -10.36
CA VAL A 47 30.85 4.90 -10.76
C VAL A 47 30.55 6.27 -11.37
N GLY A 48 30.26 6.30 -12.67
CA GLY A 48 30.05 7.52 -13.42
C GLY A 48 28.76 8.23 -12.98
N GLY A 49 28.81 9.53 -12.73
CA GLY A 49 27.59 10.20 -12.26
C GLY A 49 27.43 11.58 -12.85
N ILE A 50 26.31 12.23 -12.55
CA ILE A 50 26.18 13.59 -13.05
C ILE A 50 27.25 14.48 -12.39
N GLY A 51 28.08 15.08 -13.21
CA GLY A 51 29.14 15.95 -12.73
C GLY A 51 30.42 15.21 -12.41
N GLY A 52 30.47 13.92 -12.72
CA GLY A 52 31.69 13.12 -12.56
C GLY A 52 31.47 11.93 -11.61
N PHE A 53 32.58 11.30 -11.21
CA PHE A 53 32.57 10.13 -10.36
C PHE A 53 31.93 10.36 -8.98
N LEU A 54 30.98 9.52 -8.66
CA LEU A 54 30.34 9.48 -7.35
C LEU A 54 31.36 8.83 -6.41
N LYS A 55 31.22 9.14 -5.12
CA LYS A 55 32.16 8.67 -4.14
C LYS A 55 31.61 7.39 -3.55
N VAL A 56 32.28 6.29 -3.93
CA VAL A 56 31.74 4.96 -3.75
C VAL A 56 32.87 4.06 -3.32
N ARG A 57 32.69 3.40 -2.18
CA ARG A 57 33.68 2.47 -1.64
C ARG A 57 33.04 1.10 -1.70
N GLU A 58 33.86 0.06 -1.83
CA GLU A 58 33.40 -1.33 -1.82
C GLU A 58 34.09 -2.15 -0.74
N TYR A 59 33.25 -2.88 -0.01
CA TYR A 59 33.65 -3.73 1.09
C TYR A 59 33.24 -5.16 0.73
N ASP A 60 34.21 -6.04 0.72
CA ASP A 60 34.02 -7.48 0.54
C ASP A 60 34.20 -8.10 1.91
N GLN A 61 33.98 -9.41 2.04
CA GLN A 61 34.11 -10.09 3.33
C GLN A 61 33.24 -9.44 4.42
N VAL A 62 32.07 -8.92 4.02
CA VAL A 62 31.14 -8.31 4.99
C VAL A 62 30.13 -9.34 5.45
N PRO A 63 30.15 -9.65 6.77
CA PRO A 63 29.04 -10.38 7.41
C PRO A 63 27.75 -9.59 7.23
N ILE A 64 26.76 -10.24 6.65
CA ILE A 64 25.43 -9.65 6.45
C ILE A 64 24.49 -10.65 7.08
N GLU A 65 23.62 -10.20 7.94
CA GLU A 65 22.54 -11.08 8.35
C GLU A 65 21.18 -10.40 8.35
N ILE A 66 20.21 -11.09 7.76
CA ILE A 66 18.82 -10.62 7.64
C ILE A 66 17.91 -11.78 8.02
N ALA A 67 17.05 -11.56 9.01
CA ALA A 67 16.10 -12.56 9.44
C ALA A 67 16.78 -13.88 9.73
N GLY A 68 17.88 -13.87 10.49
CA GLY A 68 18.55 -15.13 10.88
C GLY A 68 19.58 -15.68 9.90
N HIS A 69 19.40 -15.44 8.59
CA HIS A 69 20.33 -15.86 7.54
C HIS A 69 21.61 -15.05 7.71
N LYS A 70 22.73 -15.72 7.87
CA LYS A 70 24.00 -15.04 8.01
C LYS A 70 24.82 -15.40 6.76
N VAL A 71 25.28 -14.39 6.03
CA VAL A 71 26.09 -14.59 4.82
C VAL A 71 27.25 -13.62 4.74
N ILE A 72 28.22 -13.96 3.90
CA ILE A 72 29.31 -13.03 3.62
C ILE A 72 29.08 -12.46 2.25
N GLY A 73 28.94 -11.15 2.18
CA GLY A 73 28.74 -10.48 0.88
C GLY A 73 29.60 -9.28 0.56
N THR A 74 29.23 -8.58 -0.53
CA THR A 74 29.83 -7.31 -0.97
C THR A 74 28.85 -6.16 -0.72
N VAL A 75 29.32 -5.13 -0.01
CA VAL A 75 28.54 -3.93 0.23
C VAL A 75 29.20 -2.69 -0.42
N LEU A 76 28.46 -2.00 -1.28
CA LEU A 76 28.87 -0.67 -1.74
C LEU A 76 28.50 0.34 -0.69
N VAL A 77 29.41 1.27 -0.42
CA VAL A 77 29.09 2.46 0.36
C VAL A 77 29.09 3.69 -0.56
N GLY A 78 27.94 4.32 -0.71
CA GLY A 78 27.83 5.49 -1.58
C GLY A 78 26.53 6.21 -1.37
N PRO A 79 26.28 7.28 -2.13
CA PRO A 79 25.12 8.06 -1.84
C PRO A 79 23.91 7.33 -2.36
N THR A 80 22.90 7.20 -1.53
CA THR A 80 21.71 6.41 -1.81
C THR A 80 20.70 6.95 -0.77
N PRO A 81 19.44 7.11 -1.19
CA PRO A 81 18.53 7.76 -0.30
C PRO A 81 18.16 6.92 0.92
N VAL A 82 18.11 5.60 0.73
CA VAL A 82 17.99 4.62 1.83
C VAL A 82 19.01 3.52 1.53
N ASN A 83 19.34 2.70 2.55
CA ASN A 83 20.06 1.46 2.36
C ASN A 83 19.23 0.48 1.54
N VAL A 84 19.85 -0.14 0.56
CA VAL A 84 19.19 -1.03 -0.37
C VAL A 84 19.86 -2.40 -0.31
N ILE A 85 19.07 -3.47 -0.27
CA ILE A 85 19.56 -4.87 -0.37
C ILE A 85 19.18 -5.29 -1.75
N GLY A 86 20.17 -5.44 -2.63
CA GLY A 86 19.84 -5.72 -4.04
C GLY A 86 19.76 -7.22 -4.24
N ARG A 87 19.68 -7.62 -5.51
CA ARG A 87 19.55 -9.05 -5.86
C ARG A 87 20.82 -9.87 -5.54
N ASP A 88 21.98 -9.22 -5.42
CA ASP A 88 23.22 -9.92 -5.06
C ASP A 88 23.10 -10.54 -3.65
N THR A 89 22.49 -9.81 -2.71
CA THR A 89 22.30 -10.32 -1.38
C THR A 89 21.00 -11.09 -1.27
N MET A 90 19.98 -10.71 -2.01
CA MET A 90 18.75 -11.52 -1.96
C MET A 90 18.86 -12.99 -2.41
N THR A 91 19.64 -13.22 -3.48
CA THR A 91 19.92 -14.57 -4.00
C THR A 91 20.74 -15.42 -3.03
N GLN A 92 21.73 -14.80 -2.37
CA GLN A 92 22.53 -15.49 -1.31
C GLN A 92 21.61 -15.90 -0.17
N ILE A 93 20.42 -15.31 -0.17
CA ILE A 93 19.49 -15.54 0.92
C ILE A 93 18.25 -16.33 0.50
N GLY A 94 18.23 -16.78 -0.76
CA GLY A 94 17.13 -17.58 -1.29
C GLY A 94 15.79 -16.87 -1.38
N ALA A 95 15.83 -15.54 -1.44
CA ALA A 95 14.59 -14.75 -1.54
C ALA A 95 13.89 -14.91 -2.89
N THR A 96 12.60 -15.21 -2.80
CA THR A 96 11.76 -15.32 -3.96
C THR A 96 10.63 -14.25 -3.94
N LEU A 97 10.11 -13.99 -5.13
CA LEU A 97 8.99 -13.11 -5.34
C LEU A 97 7.84 -14.01 -5.68
N ASN A 98 6.68 -13.77 -5.08
CA ASN A 98 5.64 -14.74 -5.25
C ASN A 98 4.29 -14.14 -5.60
N PHE A 99 3.60 -14.80 -6.52
CA PHE A 99 2.25 -14.40 -6.95
C PHE A 99 1.64 -15.46 -7.90
N PRO B 1 3.20 -17.63 -10.44
CA PRO B 1 4.59 -18.05 -10.67
C PRO B 1 5.45 -17.78 -9.44
N GLN B 2 6.61 -18.43 -9.37
CA GLN B 2 7.52 -18.32 -8.21
C GLN B 2 8.87 -17.96 -8.77
N ILE B 3 9.31 -16.74 -8.48
CA ILE B 3 10.34 -16.11 -9.27
C ILE B 3 11.59 -15.68 -8.48
N THR B 4 12.71 -16.31 -8.84
CA THR B 4 14.01 -16.19 -8.17
C THR B 4 14.70 -14.94 -8.68
N LEU B 5 15.79 -14.56 -8.04
CA LEU B 5 16.33 -13.27 -8.38
C LEU B 5 17.69 -13.34 -9.03
N TRP B 6 18.02 -14.52 -9.57
CA TRP B 6 19.29 -14.73 -10.28
C TRP B 6 19.37 -13.83 -11.48
N LYS B 7 18.22 -13.60 -12.11
CA LYS B 7 18.14 -12.62 -13.18
C LYS B 7 17.18 -11.47 -12.80
N ARG B 8 17.06 -10.47 -13.66
CA ARG B 8 16.10 -9.41 -13.46
C ARG B 8 14.71 -9.98 -13.64
N PRO B 9 13.84 -9.80 -12.63
CA PRO B 9 12.51 -10.35 -12.56
C PRO B 9 11.51 -9.64 -13.47
N PHE B 10 11.68 -9.85 -14.78
CA PHE B 10 10.78 -9.32 -15.82
C PHE B 10 9.58 -10.21 -16.03
N VAL B 11 8.42 -9.59 -16.24
CA VAL B 11 7.23 -10.31 -16.68
C VAL B 11 6.51 -9.52 -17.75
N THR B 12 5.63 -10.24 -18.43
CA THR B 12 4.75 -9.71 -19.42
C THR B 12 3.49 -9.14 -18.79
N VAL B 13 3.15 -7.94 -19.23
CA VAL B 13 2.00 -7.21 -18.71
C VAL B 13 1.22 -6.66 -19.85
N LYS B 14 -0.06 -6.47 -19.59
CA LYS B 14 -0.97 -5.83 -20.54
C LYS B 14 -1.40 -4.53 -19.89
N VAL B 15 -0.86 -3.44 -20.41
CA VAL B 15 -1.19 -2.11 -19.91
C VAL B 15 -1.94 -1.31 -20.96
N GLY B 16 -3.11 -0.80 -20.60
CA GLY B 16 -3.93 -0.04 -21.53
C GLY B 16 -4.21 -0.85 -22.78
N GLY B 17 -4.61 -2.12 -22.61
CA GLY B 17 -4.76 -3.09 -23.70
C GLY B 17 -3.53 -3.56 -24.48
N GLN B 18 -2.35 -3.07 -24.13
CA GLN B 18 -1.10 -3.39 -24.89
C GLN B 18 -0.08 -4.19 -24.06
N LEU B 19 0.50 -5.21 -24.70
CA LEU B 19 1.48 -6.09 -24.07
C LEU B 19 2.83 -5.43 -23.93
N LYS B 20 3.45 -5.66 -22.78
CA LYS B 20 4.76 -5.07 -22.51
C LYS B 20 5.55 -5.97 -21.60
N GLU B 21 6.82 -5.68 -21.49
CA GLU B 21 7.63 -6.32 -20.52
C GLU B 21 7.93 -5.30 -19.43
N ALA B 22 7.91 -5.73 -18.16
CA ALA B 22 8.26 -4.83 -17.08
C ALA B 22 8.96 -5.54 -15.93
N LEU B 23 9.89 -4.84 -15.29
CA LEU B 23 10.59 -5.37 -14.13
C LEU B 23 9.76 -5.26 -12.83
N LEU B 24 9.59 -6.38 -12.15
CA LEU B 24 8.92 -6.43 -10.87
C LEU B 24 9.83 -5.82 -9.83
N ASP B 25 9.50 -4.61 -9.36
CA ASP B 25 10.42 -3.80 -8.57
C ASP B 25 9.89 -3.42 -7.19
N THR B 26 10.34 -4.18 -6.19
CA THR B 26 9.84 -4.01 -4.87
C THR B 26 10.33 -2.71 -4.25
N GLY B 27 11.39 -2.10 -4.82
CA GLY B 27 11.84 -0.80 -4.27
C GLY B 27 11.17 0.44 -4.89
N ALA B 28 10.26 0.25 -5.85
CA ALA B 28 9.52 1.34 -6.50
C ALA B 28 8.10 1.43 -5.93
N ASP B 29 7.65 2.63 -5.51
CA ASP B 29 6.28 2.79 -5.00
C ASP B 29 5.27 2.62 -6.16
N ASN B 30 5.58 3.18 -7.34
CA ASN B 30 4.65 3.25 -8.47
C ASN B 30 5.10 2.57 -9.72
N THR B 31 4.15 2.24 -10.56
CA THR B 31 4.41 1.55 -11.80
C THR B 31 4.67 2.64 -12.81
N ILE B 32 5.71 2.47 -13.65
CA ILE B 32 5.97 3.45 -14.74
C ILE B 32 6.29 2.72 -16.04
N PHE B 33 5.74 3.23 -17.15
CA PHE B 33 6.02 2.78 -18.50
C PHE B 33 6.53 3.96 -19.35
N GLU B 34 7.35 3.64 -20.33
CA GLU B 34 7.78 4.60 -21.33
C GLU B 34 7.10 4.21 -22.64
N ASP B 35 6.97 5.16 -23.58
CA ASP B 35 6.60 4.76 -24.94
C ASP B 35 5.21 4.06 -24.96
N ILE B 36 4.24 4.61 -24.24
CA ILE B 36 2.86 4.20 -24.46
C ILE B 36 1.93 5.39 -24.55
N ASN B 37 0.84 5.18 -25.26
CA ASN B 37 -0.13 6.21 -25.55
C ASN B 37 -1.40 5.86 -24.79
N LEU B 38 -1.72 6.64 -23.79
CA LEU B 38 -2.94 6.36 -23.03
C LEU B 38 -4.07 7.35 -23.34
N PRO B 39 -5.33 6.92 -23.16
CA PRO B 39 -6.38 7.90 -23.35
C PRO B 39 -6.56 8.73 -22.07
N GLY B 40 -6.99 9.97 -22.28
CA GLY B 40 -7.52 10.80 -21.19
C GLY B 40 -6.51 11.75 -20.61
N ARG B 41 -6.93 12.50 -19.62
CA ARG B 41 -6.15 13.58 -19.09
C ARG B 41 -5.05 13.04 -18.22
N TRP B 42 -3.98 13.79 -18.12
CA TRP B 42 -2.92 13.42 -17.23
C TRP B 42 -2.68 14.52 -16.20
N LYS B 43 -1.91 14.20 -15.18
CA LYS B 43 -1.45 15.11 -14.12
C LYS B 43 0.10 15.09 -14.06
N PRO B 44 0.71 16.24 -13.74
CA PRO B 44 2.20 16.27 -13.72
C PRO B 44 2.70 15.64 -12.45
N LYS B 45 3.69 14.77 -12.54
CA LYS B 45 4.32 14.20 -11.33
C LYS B 45 5.81 14.27 -11.47
N MET B 46 6.55 13.97 -10.39
CA MET B 46 7.99 13.91 -10.52
C MET B 46 8.61 12.73 -9.81
N VAL B 47 9.56 12.04 -10.45
CA VAL B 47 10.27 10.96 -9.82
C VAL B 47 11.74 11.29 -9.89
N GLY B 48 12.50 10.76 -8.95
CA GLY B 48 13.80 11.33 -8.75
C GLY B 48 14.85 10.29 -8.65
N GLY B 49 15.69 10.45 -7.61
CA GLY B 49 16.98 9.74 -7.39
C GLY B 49 18.15 10.63 -7.76
N ILE B 50 19.14 10.06 -8.46
CA ILE B 50 19.92 10.82 -9.49
C ILE B 50 20.22 10.17 -10.93
N GLY B 51 20.44 11.07 -11.90
CA GLY B 51 19.97 10.96 -13.28
C GLY B 51 19.08 12.19 -13.28
N GLY B 52 18.66 12.55 -12.07
CA GLY B 52 18.00 13.79 -11.78
C GLY B 52 16.59 13.57 -11.26
N PHE B 53 15.84 14.67 -11.27
CA PHE B 53 14.43 14.66 -11.04
C PHE B 53 13.81 14.78 -12.42
N LEU B 54 12.89 13.89 -12.68
CA LEU B 54 12.28 13.66 -13.97
C LEU B 54 10.82 14.08 -13.85
N LYS B 55 10.36 15.07 -14.63
CA LYS B 55 8.92 15.32 -14.80
C LYS B 55 8.30 14.11 -15.51
N VAL B 56 7.20 13.56 -15.00
CA VAL B 56 6.53 12.39 -15.65
C VAL B 56 5.06 12.69 -15.71
N ARG B 57 4.29 11.88 -16.45
CA ARG B 57 2.83 12.05 -16.54
C ARG B 57 2.10 10.92 -15.82
N GLU B 58 1.06 11.25 -15.11
CA GLU B 58 0.23 10.25 -14.44
C GLU B 58 -1.13 10.18 -15.14
N TYR B 59 -1.53 9.00 -15.62
CA TYR B 59 -2.84 8.80 -16.25
C TYR B 59 -3.72 8.00 -15.32
N ASP B 60 -5.03 8.19 -15.41
CA ASP B 60 -5.94 7.46 -14.52
C ASP B 60 -6.85 6.51 -15.32
N GLN B 61 -7.54 5.62 -14.61
CA GLN B 61 -8.49 4.69 -15.24
C GLN B 61 -7.74 3.77 -16.17
N VAL B 62 -6.49 3.45 -15.80
CA VAL B 62 -5.63 2.67 -16.68
C VAL B 62 -5.67 1.18 -16.34
N PRO B 63 -6.05 0.37 -17.31
CA PRO B 63 -6.11 -1.03 -16.95
C PRO B 63 -4.82 -1.82 -17.10
N ILE B 64 -4.46 -2.52 -16.02
CA ILE B 64 -3.25 -3.35 -15.96
C ILE B 64 -3.63 -4.80 -15.66
N GLU B 65 -3.06 -5.74 -16.42
CA GLU B 65 -3.33 -7.17 -16.29
C GLU B 65 -2.05 -7.96 -16.17
N ILE B 66 -1.95 -8.73 -15.10
CA ILE B 66 -0.76 -9.51 -14.91
C ILE B 66 -1.25 -10.90 -14.55
N ALA B 67 -1.18 -11.81 -15.52
CA ALA B 67 -1.66 -13.19 -15.34
C ALA B 67 -3.13 -13.27 -15.03
N GLY B 68 -3.96 -12.58 -15.81
CA GLY B 68 -5.41 -12.71 -15.66
C GLY B 68 -5.97 -12.04 -14.40
N HIS B 69 -5.11 -11.36 -13.65
CA HIS B 69 -5.53 -10.39 -12.63
C HIS B 69 -5.82 -9.09 -13.39
N LYS B 70 -6.61 -8.20 -12.80
CA LYS B 70 -6.98 -6.93 -13.45
C LYS B 70 -7.25 -5.82 -12.44
N VAL B 71 -6.55 -4.69 -12.63
CA VAL B 71 -6.73 -3.48 -11.81
C VAL B 71 -6.83 -2.24 -12.72
N ILE B 72 -7.65 -1.29 -12.28
CA ILE B 72 -7.84 -0.09 -13.05
C ILE B 72 -7.51 1.09 -12.21
N GLY B 73 -6.34 1.63 -12.43
CA GLY B 73 -5.85 2.71 -11.59
C GLY B 73 -5.00 3.71 -12.32
N THR B 74 -4.09 4.32 -11.58
CA THR B 74 -3.15 5.30 -12.10
C THR B 74 -1.89 4.59 -12.58
N VAL B 75 -1.26 5.11 -13.63
CA VAL B 75 0.09 4.75 -13.98
C VAL B 75 0.85 6.02 -14.36
N LEU B 76 2.14 5.96 -14.17
CA LEU B 76 3.04 6.97 -14.69
C LEU B 76 3.61 6.64 -16.09
N VAL B 77 3.79 7.67 -16.90
CA VAL B 77 4.43 7.56 -18.18
C VAL B 77 5.55 8.58 -18.28
N GLY B 78 6.74 8.12 -18.65
CA GLY B 78 7.86 9.01 -18.72
C GLY B 78 9.14 8.21 -18.90
N PRO B 79 10.28 8.91 -19.00
CA PRO B 79 11.57 8.27 -19.24
C PRO B 79 11.86 7.28 -18.14
N THR B 80 12.24 6.07 -18.51
CA THR B 80 12.59 5.11 -17.48
C THR B 80 13.45 4.10 -18.19
N PRO B 81 14.46 3.53 -17.49
CA PRO B 81 15.35 2.60 -18.16
C PRO B 81 14.61 1.36 -18.60
N VAL B 82 13.80 0.77 -17.73
CA VAL B 82 12.89 -0.29 -18.20
C VAL B 82 11.52 0.01 -17.60
N ASN B 83 10.51 -0.62 -18.20
CA ASN B 83 9.21 -0.53 -17.65
C ASN B 83 9.26 -1.14 -16.26
N VAL B 84 8.50 -0.58 -15.32
CA VAL B 84 8.58 -0.96 -13.92
C VAL B 84 7.20 -1.22 -13.32
N ILE B 85 6.98 -2.41 -12.75
CA ILE B 85 5.76 -2.67 -12.01
C ILE B 85 6.15 -2.37 -10.59
N GLY B 86 5.51 -1.39 -9.98
CA GLY B 86 5.83 -1.00 -8.62
C GLY B 86 4.97 -1.69 -7.57
N ARG B 87 5.16 -1.34 -6.30
CA ARG B 87 4.33 -1.88 -5.23
C ARG B 87 2.85 -1.61 -5.46
N ASP B 88 2.54 -0.42 -6.01
CA ASP B 88 1.10 -0.05 -6.20
C ASP B 88 0.39 -1.10 -7.03
N THR B 89 1.02 -1.56 -8.10
CA THR B 89 0.45 -2.65 -8.86
C THR B 89 0.66 -4.08 -8.25
N MET B 90 1.80 -4.35 -7.62
CA MET B 90 2.08 -5.72 -7.16
C MET B 90 1.14 -6.18 -6.00
N THR B 91 0.68 -5.23 -5.20
CA THR B 91 -0.29 -5.50 -4.11
C THR B 91 -1.61 -5.94 -4.68
N GLN B 92 -1.93 -5.42 -5.86
CA GLN B 92 -3.19 -5.75 -6.54
C GLN B 92 -3.16 -7.14 -7.14
N ILE B 93 -1.98 -7.75 -7.25
CA ILE B 93 -1.92 -9.15 -7.66
C ILE B 93 -1.54 -10.12 -6.53
N GLY B 94 -1.45 -9.66 -5.28
CA GLY B 94 -1.12 -10.57 -4.18
C GLY B 94 0.38 -10.82 -3.96
N ALA B 95 1.23 -10.12 -4.70
CA ALA B 95 2.63 -10.46 -4.69
C ALA B 95 3.26 -10.43 -3.30
N THR B 96 4.18 -11.37 -3.09
CA THR B 96 4.89 -11.35 -1.86
C THR B 96 6.41 -11.54 -2.02
N LEU B 97 7.18 -11.08 -1.03
CA LEU B 97 8.60 -11.35 -0.91
C LEU B 97 8.79 -12.48 0.14
N ASN B 98 9.35 -13.62 -0.28
CA ASN B 98 9.57 -14.73 0.66
C ASN B 98 11.02 -15.06 0.83
N PHE B 99 11.50 -14.84 2.05
CA PHE B 99 12.83 -15.26 2.43
C PHE B 99 12.66 -15.96 3.78
N PRO C 1 -19.94 -6.46 21.69
CA PRO C 1 -18.93 -5.54 22.26
C PRO C 1 -19.23 -4.07 21.98
N GLN C 2 -18.56 -3.19 22.72
CA GLN C 2 -18.62 -1.76 22.40
C GLN C 2 -17.21 -1.21 22.43
N ILE C 3 -16.72 -0.79 21.27
CA ILE C 3 -15.32 -0.48 21.12
C ILE C 3 -15.07 0.95 20.71
N THR C 4 -14.04 1.55 21.27
CA THR C 4 -13.64 2.89 20.87
C THR C 4 -12.64 2.74 19.75
N LEU C 5 -12.24 3.85 19.16
CA LEU C 5 -11.46 3.80 17.95
C LEU C 5 -9.98 4.16 18.08
N TRP C 6 -9.40 4.09 19.30
CA TRP C 6 -7.95 4.35 19.47
C TRP C 6 -7.12 3.31 18.75
N LYS C 7 -7.55 2.06 18.78
CA LYS C 7 -6.87 1.07 17.92
C LYS C 7 -7.73 0.59 16.75
N ARG C 8 -7.12 -0.13 15.82
CA ARG C 8 -7.91 -0.69 14.75
C ARG C 8 -9.01 -1.66 15.26
N PRO C 9 -10.25 -1.46 14.75
CA PRO C 9 -11.31 -2.34 15.29
C PRO C 9 -11.32 -3.77 14.69
N PHE C 10 -10.33 -4.60 15.04
CA PHE C 10 -10.25 -6.00 14.56
C PHE C 10 -11.07 -6.92 15.42
N VAL C 11 -11.92 -7.72 14.76
CA VAL C 11 -12.69 -8.80 15.41
C VAL C 11 -12.24 -10.17 14.91
N THR C 12 -12.54 -11.21 15.67
CA THR C 12 -12.22 -12.56 15.23
C THR C 12 -13.44 -13.18 14.60
N VAL C 13 -13.27 -13.81 13.44
CA VAL C 13 -14.44 -14.24 12.66
C VAL C 13 -14.23 -15.62 12.04
N LYS C 14 -15.32 -16.37 11.86
CA LYS C 14 -15.25 -17.64 11.16
C LYS C 14 -15.98 -17.43 9.86
N VAL C 15 -15.25 -17.47 8.75
CA VAL C 15 -15.88 -17.35 7.45
C VAL C 15 -15.61 -18.63 6.64
N GLY C 16 -16.70 -19.32 6.30
CA GLY C 16 -16.63 -20.69 5.82
C GLY C 16 -16.40 -21.47 7.09
N GLY C 17 -15.22 -22.08 7.18
CA GLY C 17 -14.90 -22.84 8.39
C GLY C 17 -13.50 -22.52 8.87
N GLN C 18 -13.02 -21.34 8.48
CA GLN C 18 -11.72 -20.83 8.90
C GLN C 18 -11.86 -19.62 9.79
N LEU C 19 -11.14 -19.68 10.91
CA LEU C 19 -10.90 -18.50 11.75
C LEU C 19 -9.92 -17.57 11.03
N LYS C 20 -10.29 -16.30 10.92
CA LYS C 20 -9.40 -15.24 10.48
C LYS C 20 -9.69 -14.02 11.39
N GLU C 21 -8.96 -12.93 11.21
CA GLU C 21 -9.25 -11.61 11.82
C GLU C 21 -9.58 -10.59 10.73
N ALA C 22 -10.47 -9.66 11.06
CA ALA C 22 -10.92 -8.68 10.11
C ALA C 22 -11.33 -7.40 10.82
N LEU C 23 -11.35 -6.31 10.04
CA LEU C 23 -11.50 -4.93 10.50
C LEU C 23 -12.90 -4.47 10.30
N LEU C 24 -13.60 -4.17 11.39
CA LEU C 24 -14.93 -3.57 11.24
C LEU C 24 -14.84 -2.23 10.48
N ASP C 25 -15.25 -2.25 9.22
CA ASP C 25 -15.05 -1.06 8.40
C ASP C 25 -16.36 -0.40 7.96
N THR C 26 -16.72 0.72 8.57
CA THR C 26 -17.95 1.45 8.16
C THR C 26 -17.81 2.15 6.82
N GLY C 27 -16.60 2.23 6.31
CA GLY C 27 -16.35 2.87 5.00
C GLY C 27 -16.59 1.91 3.87
N ALA C 28 -16.75 0.62 4.20
CA ALA C 28 -16.73 -0.47 3.23
C ALA C 28 -18.10 -1.11 2.99
N ASP C 29 -18.60 -1.05 1.74
CA ASP C 29 -19.93 -1.59 1.38
C ASP C 29 -19.92 -3.08 1.52
N ASN C 30 -18.77 -3.67 1.30
CA ASN C 30 -18.67 -5.10 1.21
C ASN C 30 -17.62 -5.69 2.12
N THR C 31 -17.80 -6.94 2.41
CA THR C 31 -16.90 -7.70 3.20
C THR C 31 -15.90 -8.39 2.27
N ILE C 32 -14.59 -8.22 2.55
CA ILE C 32 -13.54 -8.79 1.69
C ILE C 32 -12.41 -9.48 2.46
N PHE C 33 -11.94 -10.63 1.99
CA PHE C 33 -10.80 -11.31 2.64
C PHE C 33 -9.68 -11.69 1.66
N GLU C 34 -8.44 -11.59 2.11
CA GLU C 34 -7.30 -12.22 1.44
C GLU C 34 -6.97 -13.54 2.19
N ASP C 35 -6.13 -14.39 1.61
CA ASP C 35 -5.72 -15.66 2.26
C ASP C 35 -6.85 -16.45 2.94
N ILE C 36 -7.91 -16.67 2.17
CA ILE C 36 -8.85 -17.75 2.46
C ILE C 36 -8.92 -18.62 1.21
N ASN C 37 -9.10 -19.92 1.42
CA ASN C 37 -9.32 -20.88 0.35
C ASN C 37 -10.77 -21.31 0.46
N LEU C 38 -11.66 -20.53 -0.14
CA LEU C 38 -13.12 -20.70 0.00
C LEU C 38 -13.73 -21.72 -1.01
N PRO C 39 -14.63 -22.62 -0.55
CA PRO C 39 -15.08 -23.70 -1.44
C PRO C 39 -16.24 -23.31 -2.37
N GLY C 40 -16.23 -23.85 -3.59
CA GLY C 40 -17.39 -23.77 -4.51
C GLY C 40 -17.19 -22.99 -5.80
N ARG C 41 -18.30 -22.52 -6.38
CA ARG C 41 -18.29 -21.65 -7.57
C ARG C 41 -18.17 -20.18 -7.16
N TRP C 42 -17.74 -19.32 -8.10
CA TRP C 42 -17.70 -17.87 -7.89
C TRP C 42 -18.01 -17.04 -9.15
N LYS C 43 -18.38 -15.78 -8.92
CA LYS C 43 -18.60 -14.79 -9.96
C LYS C 43 -17.44 -13.76 -9.85
N PRO C 44 -17.17 -12.95 -10.91
CA PRO C 44 -16.28 -11.80 -10.76
C PRO C 44 -17.02 -10.50 -10.36
N LYS C 45 -16.30 -9.54 -9.76
CA LYS C 45 -16.84 -8.20 -9.43
C LYS C 45 -15.79 -7.10 -9.37
N MET C 46 -16.17 -5.95 -9.94
CA MET C 46 -15.36 -4.75 -9.95
CA MET C 46 -15.34 -4.74 -9.95
C MET C 46 -15.76 -3.88 -8.76
N VAL C 47 -14.81 -3.64 -7.84
CA VAL C 47 -15.03 -2.83 -6.64
C VAL C 47 -14.06 -1.66 -6.55
N GLY C 48 -14.55 -0.55 -6.04
CA GLY C 48 -13.79 0.66 -5.91
C GLY C 48 -12.97 0.64 -4.63
N GLY C 49 -11.87 1.36 -4.63
CA GLY C 49 -11.01 1.46 -3.49
C GLY C 49 -10.46 2.86 -3.45
N ILE C 50 -9.55 3.08 -2.52
CA ILE C 50 -8.87 4.34 -2.36
C ILE C 50 -8.01 4.64 -3.60
N GLY C 51 -7.53 3.58 -4.27
CA GLY C 51 -6.55 3.72 -5.32
C GLY C 51 -7.09 3.57 -6.73
N GLY C 52 -8.23 2.92 -6.89
CA GLY C 52 -8.72 2.58 -8.22
C GLY C 52 -9.82 1.55 -8.14
N PHE C 53 -9.88 0.64 -9.11
CA PHE C 53 -10.87 -0.41 -9.12
C PHE C 53 -10.19 -1.77 -9.31
N LEU C 54 -10.62 -2.75 -8.53
CA LEU C 54 -9.95 -4.05 -8.52
C LEU C 54 -10.92 -5.12 -8.95
N LYS C 55 -10.41 -6.11 -9.69
CA LYS C 55 -11.22 -7.30 -10.02
C LYS C 55 -11.06 -8.38 -8.95
N VAL C 56 -12.16 -8.77 -8.32
CA VAL C 56 -12.21 -9.81 -7.27
C VAL C 56 -13.41 -10.74 -7.53
N ARG C 57 -13.39 -11.96 -6.97
CA ARG C 57 -14.53 -12.91 -6.89
C ARG C 57 -15.60 -12.59 -5.83
N GLU C 58 -16.88 -12.82 -6.14
CA GLU C 58 -17.97 -12.96 -5.12
C GLU C 58 -18.21 -14.44 -4.83
N TYR C 59 -18.24 -14.78 -3.54
CA TYR C 59 -18.84 -16.03 -3.08
C TYR C 59 -20.16 -15.58 -2.43
N ASP C 60 -21.28 -16.26 -2.72
CA ASP C 60 -22.60 -15.59 -2.60
C ASP C 60 -23.62 -15.84 -1.44
N GLN C 61 -23.46 -16.96 -0.72
CA GLN C 61 -24.13 -17.14 0.57
C GLN C 61 -23.16 -17.84 1.50
N VAL C 62 -22.37 -17.05 2.23
CA VAL C 62 -21.34 -17.59 3.11
C VAL C 62 -21.72 -17.44 4.57
N PRO C 63 -21.56 -18.52 5.37
CA PRO C 63 -21.67 -18.47 6.82
C PRO C 63 -20.47 -17.74 7.47
N ILE C 64 -20.78 -16.66 8.18
CA ILE C 64 -19.81 -15.87 8.96
C ILE C 64 -20.20 -15.99 10.44
N GLU C 65 -19.23 -16.28 11.30
CA GLU C 65 -19.47 -16.24 12.76
C GLU C 65 -18.76 -15.01 13.36
N ILE C 66 -19.57 -14.07 13.86
CA ILE C 66 -19.11 -12.72 14.25
C ILE C 66 -19.69 -12.28 15.61
N ALA C 67 -18.85 -12.37 16.63
CA ALA C 67 -19.24 -12.13 18.02
C ALA C 67 -20.63 -12.68 18.33
N GLY C 68 -20.67 -13.99 18.58
CA GLY C 68 -21.91 -14.67 18.98
C GLY C 68 -22.92 -14.85 17.87
N HIS C 69 -22.81 -14.03 16.83
CA HIS C 69 -23.75 -14.03 15.71
C HIS C 69 -23.32 -14.90 14.52
N LYS C 70 -24.14 -15.92 14.23
CA LYS C 70 -23.99 -16.72 13.01
C LYS C 70 -24.91 -16.14 11.92
N VAL C 71 -24.31 -15.60 10.86
CA VAL C 71 -25.03 -14.92 9.78
C VAL C 71 -24.75 -15.54 8.41
N ILE C 72 -25.26 -14.89 7.37
CA ILE C 72 -25.31 -15.47 6.05
C ILE C 72 -25.30 -14.32 5.03
N GLY C 73 -24.27 -14.27 4.17
CA GLY C 73 -24.17 -13.18 3.21
C GLY C 73 -23.11 -13.35 2.14
N THR C 74 -22.86 -12.26 1.41
CA THR C 74 -21.83 -12.25 0.36
C THR C 74 -20.39 -11.87 0.82
N VAL C 75 -19.40 -12.69 0.43
CA VAL C 75 -18.01 -12.47 0.78
C VAL C 75 -17.09 -12.33 -0.46
N LEU C 76 -16.29 -11.27 -0.49
CA LEU C 76 -15.36 -11.05 -1.58
C LEU C 76 -13.98 -11.71 -1.28
N VAL C 77 -13.26 -12.18 -2.31
CA VAL C 77 -11.92 -12.77 -2.10
C VAL C 77 -10.83 -12.27 -3.05
N GLY C 78 -9.91 -11.49 -2.49
CA GLY C 78 -8.82 -10.88 -3.25
C GLY C 78 -7.97 -10.00 -2.35
N PRO C 79 -6.81 -9.54 -2.87
CA PRO C 79 -5.88 -8.75 -2.09
C PRO C 79 -6.51 -7.47 -1.52
N THR C 80 -6.20 -7.19 -0.26
CA THR C 80 -6.65 -6.01 0.48
C THR C 80 -5.67 -5.81 1.62
N PRO C 81 -5.43 -4.57 2.06
CA PRO C 81 -4.34 -4.45 3.07
C PRO C 81 -4.66 -5.19 4.36
N VAL C 82 -5.94 -5.44 4.57
CA VAL C 82 -6.46 -6.08 5.75
C VAL C 82 -7.87 -6.63 5.40
N ASN C 83 -8.27 -7.73 6.02
CA ASN C 83 -9.65 -8.20 5.77
C ASN C 83 -10.61 -7.21 6.38
N VAL C 84 -11.72 -6.98 5.69
CA VAL C 84 -12.66 -5.92 6.01
C VAL C 84 -14.06 -6.51 6.23
N ILE C 85 -14.65 -6.37 7.42
CA ILE C 85 -16.11 -6.53 7.55
C ILE C 85 -16.81 -5.24 7.09
N GLY C 86 -17.60 -5.33 6.05
CA GLY C 86 -18.32 -4.17 5.53
C GLY C 86 -19.75 -4.00 6.04
N ARG C 87 -20.39 -2.95 5.57
CA ARG C 87 -21.75 -2.69 6.01
C ARG C 87 -22.71 -3.88 5.81
N ASP C 88 -22.53 -4.67 4.76
CA ASP C 88 -23.49 -5.77 4.48
C ASP C 88 -23.53 -6.87 5.54
N THR C 89 -22.38 -7.13 6.15
CA THR C 89 -22.33 -8.12 7.22
C THR C 89 -22.68 -7.44 8.52
N MET C 90 -22.23 -6.19 8.64
CA MET C 90 -22.41 -5.31 9.79
C MET C 90 -23.89 -4.92 9.97
N THR C 91 -24.67 -5.16 8.94
CA THR C 91 -26.07 -4.86 9.01
C THR C 91 -26.91 -5.95 9.71
N GLN C 92 -26.76 -7.21 9.29
CA GLN C 92 -27.54 -8.32 9.90
C GLN C 92 -27.03 -8.71 11.29
N ILE C 93 -26.14 -7.88 11.83
CA ILE C 93 -25.58 -8.06 13.15
C ILE C 93 -26.03 -6.87 14.03
N GLY C 94 -26.65 -5.87 13.41
CA GLY C 94 -27.20 -4.72 14.13
C GLY C 94 -26.21 -3.66 14.59
N ALA C 95 -24.98 -3.71 14.09
CA ALA C 95 -23.90 -2.78 14.48
C ALA C 95 -24.13 -1.28 14.20
N THR C 96 -23.82 -0.42 15.17
CA THR C 96 -23.97 1.01 14.94
C THR C 96 -22.77 1.91 15.35
N LEU C 97 -22.81 3.17 14.89
CA LEU C 97 -21.83 4.21 15.21
C LEU C 97 -22.43 5.31 16.09
N ASN C 98 -21.83 5.53 17.26
CA ASN C 98 -22.36 6.41 18.30
C ASN C 98 -21.37 7.50 18.68
N PHE C 99 -21.91 8.69 18.90
CA PHE C 99 -21.11 9.84 19.34
C PHE C 99 -22.07 11.01 19.54
N PRO D 1 -25.11 11.61 17.69
CA PRO D 1 -26.26 10.72 17.78
C PRO D 1 -25.88 9.24 17.71
N GLN D 2 -26.74 8.47 17.09
CA GLN D 2 -26.60 7.04 16.97
C GLN D 2 -26.85 6.71 15.47
N ILE D 3 -25.86 6.08 14.82
CA ILE D 3 -25.88 5.87 13.36
C ILE D 3 -25.98 4.41 12.91
N THR D 4 -27.14 4.07 12.41
CA THR D 4 -27.37 2.79 11.76
C THR D 4 -26.60 2.78 10.45
N LEU D 5 -26.37 1.60 9.88
CA LEU D 5 -25.51 1.53 8.67
C LEU D 5 -26.13 0.93 7.41
N TRP D 6 -27.46 0.97 7.31
CA TRP D 6 -28.14 0.48 6.13
C TRP D 6 -27.71 1.33 4.94
N LYS D 7 -27.29 2.56 5.22
CA LYS D 7 -26.66 3.39 4.18
C LYS D 7 -25.35 4.06 4.63
N ARG D 8 -24.43 4.24 3.67
CA ARG D 8 -23.21 4.98 3.89
CA ARG D 8 -23.29 5.18 3.73
C ARG D 8 -23.36 6.14 4.89
N PRO D 9 -22.41 6.14 5.86
CA PRO D 9 -22.56 7.08 6.99
C PRO D 9 -21.89 8.44 6.82
N PHE D 10 -22.51 9.30 6.02
CA PHE D 10 -21.95 10.60 5.73
C PHE D 10 -22.32 11.63 6.78
N VAL D 11 -21.38 12.53 7.03
CA VAL D 11 -21.63 13.66 7.91
C VAL D 11 -21.08 14.90 7.23
N THR D 12 -21.50 16.07 7.69
CA THR D 12 -20.99 17.34 7.17
C THR D 12 -19.95 17.86 8.17
N VAL D 13 -18.74 18.20 7.69
CA VAL D 13 -17.70 18.78 8.55
C VAL D 13 -17.18 20.09 7.98
N LYS D 14 -16.67 20.96 8.85
CA LYS D 14 -15.90 22.12 8.44
C LYS D 14 -14.39 21.88 8.63
N VAL D 15 -13.64 22.09 7.54
CA VAL D 15 -12.19 21.95 7.41
C VAL D 15 -11.66 22.91 6.36
N GLY D 16 -10.70 23.73 6.74
CA GLY D 16 -10.07 24.69 5.80
C GLY D 16 -11.02 25.77 5.32
N GLY D 17 -11.76 26.36 6.25
CA GLY D 17 -12.66 27.48 5.96
C GLY D 17 -13.81 27.12 5.05
N GLN D 18 -13.88 25.84 4.68
CA GLN D 18 -14.89 25.33 3.78
C GLN D 18 -15.62 24.25 4.53
N LEU D 19 -16.83 24.01 4.07
CA LEU D 19 -17.69 22.96 4.55
C LEU D 19 -17.55 21.81 3.57
N LYS D 20 -17.48 20.58 4.06
CA LYS D 20 -17.33 19.40 3.22
C LYS D 20 -18.14 18.22 3.76
N GLU D 21 -18.53 17.29 2.89
CA GLU D 21 -19.19 16.05 3.31
C GLU D 21 -18.20 14.91 3.31
N ALA D 22 -18.13 14.14 4.40
CA ALA D 22 -17.25 12.96 4.43
C ALA D 22 -17.87 11.71 4.99
N LEU D 23 -17.45 10.58 4.45
CA LEU D 23 -17.84 9.28 4.99
C LEU D 23 -17.09 8.95 6.31
N LEU D 24 -17.84 8.64 7.38
CA LEU D 24 -17.20 8.21 8.63
C LEU D 24 -16.62 6.80 8.44
N ASP D 25 -15.31 6.64 8.64
CA ASP D 25 -14.62 5.49 8.06
C ASP D 25 -13.77 4.85 9.10
N THR D 26 -14.34 3.82 9.74
CA THR D 26 -13.62 3.22 10.86
C THR D 26 -12.40 2.45 10.35
N GLY D 27 -12.39 2.12 9.06
CA GLY D 27 -11.22 1.50 8.44
C GLY D 27 -10.12 2.46 8.02
N ALA D 28 -10.35 3.77 8.18
CA ALA D 28 -9.37 4.81 7.83
C ALA D 28 -8.65 5.29 9.07
N ASP D 29 -7.31 5.22 9.03
CA ASP D 29 -6.45 5.70 10.14
C ASP D 29 -6.56 7.21 10.11
N ASN D 30 -6.55 7.79 8.94
CA ASN D 30 -6.62 9.24 8.93
C ASN D 30 -7.77 9.83 8.15
N THR D 31 -8.04 11.10 8.40
CA THR D 31 -9.01 11.83 7.60
C THR D 31 -8.30 12.21 6.27
N ILE D 32 -9.07 12.19 5.18
CA ILE D 32 -8.55 12.49 3.87
C ILE D 32 -9.60 13.30 3.14
N PHE D 33 -9.19 14.46 2.61
CA PHE D 33 -10.05 15.24 1.70
C PHE D 33 -9.50 15.49 0.24
N GLU D 34 -10.38 15.42 -0.77
CA GLU D 34 -10.15 15.99 -2.09
C GLU D 34 -10.45 17.46 -2.03
N ASP D 35 -9.55 18.25 -2.61
CA ASP D 35 -9.95 19.57 -3.05
C ASP D 35 -10.34 20.57 -1.94
N ILE D 36 -9.43 20.76 -1.01
CA ILE D 36 -9.51 21.85 -0.07
C ILE D 36 -8.11 22.41 -0.12
N ASN D 37 -7.92 23.65 0.33
CA ASN D 37 -6.57 24.16 0.53
C ASN D 37 -6.36 24.45 1.97
N LEU D 38 -5.21 24.02 2.48
CA LEU D 38 -4.89 24.21 3.89
C LEU D 38 -3.58 24.97 3.97
N PRO D 39 -3.42 25.85 4.99
CA PRO D 39 -2.20 26.67 4.98
C PRO D 39 -0.92 25.91 5.32
N GLY D 40 0.23 26.45 4.90
CA GLY D 40 1.55 26.06 5.43
C GLY D 40 2.24 24.82 4.86
N ARG D 41 3.22 24.32 5.60
CA ARG D 41 4.03 23.14 5.19
C ARG D 41 3.20 21.87 5.31
N TRP D 42 3.59 20.84 4.59
CA TRP D 42 2.93 19.56 4.61
C TRP D 42 4.01 18.59 4.27
N LYS D 43 3.82 17.33 4.51
CA LYS D 43 4.76 16.35 3.90
C LYS D 43 4.09 15.32 3.01
N PRO D 44 4.84 14.81 2.02
CA PRO D 44 4.25 13.89 1.04
C PRO D 44 4.04 12.54 1.68
N LYS D 45 2.89 11.93 1.49
CA LYS D 45 2.67 10.61 2.04
C LYS D 45 1.99 9.79 1.00
N MET D 46 2.06 8.51 1.20
CA MET D 46 1.46 7.59 0.31
C MET D 46 0.54 6.67 1.14
N VAL D 47 -0.69 6.46 0.68
CA VAL D 47 -1.57 5.51 1.37
C VAL D 47 -2.09 4.56 0.34
N GLY D 48 -2.36 3.31 0.74
CA GLY D 48 -2.78 2.29 -0.21
C GLY D 48 -3.99 1.51 0.29
N GLY D 49 -4.53 0.66 -0.58
CA GLY D 49 -5.76 -0.02 -0.34
C GLY D 49 -6.23 -0.63 -1.64
N ILE D 50 -7.53 -0.89 -1.75
CA ILE D 50 -8.06 -1.52 -2.97
C ILE D 50 -7.93 -0.61 -4.19
N GLY D 51 -7.41 -1.15 -5.30
CA GLY D 51 -7.27 -0.38 -6.56
C GLY D 51 -5.90 0.26 -6.78
N GLY D 52 -5.12 0.40 -5.72
CA GLY D 52 -3.82 1.06 -5.79
C GLY D 52 -3.51 1.90 -4.55
N PHE D 53 -2.56 2.78 -4.74
CA PHE D 53 -2.03 3.73 -3.79
C PHE D 53 -2.55 5.09 -4.13
N LEU D 54 -2.54 5.95 -3.14
CA LEU D 54 -2.95 7.30 -3.34
C LEU D 54 -1.85 8.18 -2.73
N LYS D 55 -1.45 9.21 -3.48
CA LYS D 55 -0.47 10.18 -3.06
C LYS D 55 -1.18 11.37 -2.40
N VAL D 56 -0.69 11.82 -1.25
CA VAL D 56 -1.35 12.89 -0.51
C VAL D 56 -0.37 13.85 0.11
N ARG D 57 -0.90 15.01 0.49
CA ARG D 57 -0.22 15.97 1.32
C ARG D 57 -0.72 15.77 2.76
N GLU D 58 0.21 15.47 3.68
CA GLU D 58 -0.08 15.40 5.07
C GLU D 58 0.04 16.76 5.78
N TYR D 59 -1.09 17.28 6.23
CA TYR D 59 -1.09 18.47 7.06
C TYR D 59 -1.34 18.11 8.48
N ASP D 60 -0.51 18.58 9.40
CA ASP D 60 -0.70 18.18 10.78
C ASP D 60 -1.38 19.25 11.61
N GLN D 61 -1.96 18.85 12.74
CA GLN D 61 -2.62 19.74 13.69
C GLN D 61 -3.63 20.73 13.05
N VAL D 62 -4.56 20.19 12.27
CA VAL D 62 -5.48 20.96 11.46
C VAL D 62 -6.79 20.95 12.26
N PRO D 63 -7.36 22.14 12.49
CA PRO D 63 -8.66 22.25 13.16
C PRO D 63 -9.78 21.74 12.26
N ILE D 64 -10.63 20.86 12.78
CA ILE D 64 -11.80 20.40 12.05
C ILE D 64 -13.00 20.68 12.93
N GLU D 65 -14.10 21.09 12.33
CA GLU D 65 -15.30 21.20 13.13
C GLU D 65 -16.23 20.10 12.67
N ILE D 66 -16.65 19.26 13.61
CA ILE D 66 -17.38 18.07 13.28
C ILE D 66 -18.44 17.77 14.31
N ALA D 67 -19.68 17.75 13.85
CA ALA D 67 -20.80 17.31 14.68
C ALA D 67 -20.77 17.93 16.06
N GLY D 68 -20.71 19.26 16.12
CA GLY D 68 -20.73 19.95 17.41
C GLY D 68 -19.40 20.19 18.12
N HIS D 69 -18.30 19.61 17.64
CA HIS D 69 -16.99 19.69 18.33
C HIS D 69 -15.85 20.24 17.48
N LYS D 70 -15.00 21.09 18.09
CA LYS D 70 -13.76 21.50 17.46
C LYS D 70 -12.54 20.64 17.84
N VAL D 71 -12.12 19.83 16.87
CA VAL D 71 -11.03 18.88 17.02
C VAL D 71 -9.80 19.17 16.14
N ILE D 72 -8.61 19.00 16.73
CA ILE D 72 -7.33 19.17 16.08
C ILE D 72 -6.81 17.80 15.62
N GLY D 73 -6.25 17.76 14.41
CA GLY D 73 -5.76 16.49 13.87
C GLY D 73 -5.03 16.53 12.55
N THR D 74 -4.76 15.32 12.03
CA THR D 74 -4.06 15.18 10.77
C THR D 74 -5.05 15.03 9.63
N VAL D 75 -4.83 15.82 8.57
CA VAL D 75 -5.68 15.83 7.41
C VAL D 75 -4.81 15.49 6.20
N LEU D 76 -5.18 14.44 5.50
CA LEU D 76 -4.50 14.10 4.25
C LEU D 76 -5.27 14.76 3.09
N VAL D 77 -4.56 15.48 2.22
CA VAL D 77 -5.16 16.06 0.99
C VAL D 77 -4.72 15.37 -0.30
N GLY D 78 -5.69 14.93 -1.09
CA GLY D 78 -5.26 14.18 -2.29
C GLY D 78 -6.48 13.67 -2.95
N PRO D 79 -6.34 13.06 -4.15
CA PRO D 79 -7.55 12.78 -4.92
C PRO D 79 -8.23 11.46 -4.51
N THR D 80 -8.58 11.36 -3.23
CA THR D 80 -9.40 10.28 -2.79
C THR D 80 -10.77 10.37 -3.53
N PRO D 81 -11.30 9.23 -3.98
CA PRO D 81 -12.61 9.24 -4.67
C PRO D 81 -13.78 9.57 -3.74
N VAL D 82 -13.65 9.39 -2.43
CA VAL D 82 -14.65 9.96 -1.52
C VAL D 82 -13.95 10.45 -0.32
N ASN D 83 -14.38 11.60 0.20
CA ASN D 83 -13.83 12.11 1.45
C ASN D 83 -14.14 11.18 2.64
N VAL D 84 -13.14 10.90 3.47
CA VAL D 84 -13.36 10.11 4.70
C VAL D 84 -12.84 10.79 5.99
N ILE D 85 -13.57 10.57 7.09
CA ILE D 85 -13.15 11.01 8.40
C ILE D 85 -12.51 9.80 9.02
N GLY D 86 -11.28 9.92 9.46
CA GLY D 86 -10.63 8.74 9.97
C GLY D 86 -10.69 8.59 11.49
N ARG D 87 -10.33 7.42 11.97
CA ARG D 87 -10.16 7.21 13.40
C ARG D 87 -9.47 8.37 14.18
N ASP D 88 -8.38 8.94 13.64
CA ASP D 88 -7.58 10.09 14.24
C ASP D 88 -8.55 11.19 14.62
N THR D 89 -9.53 11.45 13.77
CA THR D 89 -10.51 12.49 14.05
C THR D 89 -11.64 12.02 15.01
N MET D 90 -12.18 10.84 14.73
CA MET D 90 -13.31 10.29 15.47
C MET D 90 -13.04 10.06 16.98
N THR D 91 -11.86 9.56 17.34
CA THR D 91 -11.59 9.33 18.73
C THR D 91 -11.79 10.64 19.47
N GLN D 92 -11.64 11.77 18.76
CA GLN D 92 -11.69 13.06 19.47
C GLN D 92 -13.11 13.55 19.80
N ILE D 93 -14.08 12.93 19.17
CA ILE D 93 -15.46 13.16 19.56
C ILE D 93 -16.03 11.96 20.33
N GLY D 94 -15.15 11.09 20.80
CA GLY D 94 -15.56 9.94 21.63
C GLY D 94 -16.38 8.95 20.83
N ALA D 95 -16.18 8.90 19.53
CA ALA D 95 -17.03 8.02 18.72
C ALA D 95 -16.79 6.56 19.11
N THR D 96 -17.89 5.81 19.16
CA THR D 96 -17.79 4.37 19.30
C THR D 96 -18.71 3.69 18.29
N LEU D 97 -18.42 2.42 18.09
CA LEU D 97 -19.38 1.57 17.49
C LEU D 97 -19.82 0.44 18.45
N ASN D 98 -21.11 0.12 18.35
CA ASN D 98 -21.78 -0.94 19.12
C ASN D 98 -22.16 -2.12 18.29
N PHE D 99 -21.77 -3.31 18.72
CA PHE D 99 -22.12 -4.51 17.96
C PHE D 99 -22.24 -5.80 18.80
#